data_1OHE
#
_entry.id   1OHE
#
_cell.length_a   114.760
_cell.length_b   53.150
_cell.length_c   64.170
_cell.angle_alpha   90.00
_cell.angle_beta   117.48
_cell.angle_gamma   90.00
#
_symmetry.space_group_name_H-M   'C 1 2 1'
#
loop_
_entity.id
_entity.type
_entity.pdbx_description
1 polymer 'CDC14B2 PHOSPHATASE'
2 polymer 'PEPTIDE LIGAND'
3 water water
#
loop_
_entity_poly.entity_id
_entity_poly.type
_entity_poly.pdbx_seq_one_letter_code
_entity_poly.pdbx_strand_id
1 'polypeptide(L)'
;PRRRDPQDDVYLDITDRLCFAILYSRPKSASNVHYFSIDNELEYENFYADFGPLNLAMVYRYCCKINKKLKSITMLRKKI
VHFTGSDQRKQANAAFLVGCYMVIYLGRTPEEAYRILIFGETSYIPFRDAAYGSCNFYITLLDCFHAVKKAMQYGFLNFN
SFNLDEYEHYEKAENGDLNWIIPDRFIAFCGPHSRARLESGYHQHSPETYIQYFKNHNVTTIIRLNKRMYDAKRFTDAGF
DHHDLFFADGSTPTDAIVKEFLDICENAEGAIAVHSKAGLGRTGTLIACYIMKHYRMTAAETIAWVRICRPGSVIGPQQQ
FLVMKQTNLWLEGDYFRQKLKGQENGQH
;
A
2 'polypeptide(L)' (ACE)A(SEP)P B
#
# COMPACT_ATOMS: atom_id res chain seq x y z
N ARG A 4 -20.25 -0.37 -22.35
CA ARG A 4 -21.68 -0.17 -21.98
C ARG A 4 -22.59 -1.08 -22.80
N ASP A 5 -22.11 -2.30 -23.07
CA ASP A 5 -22.82 -3.32 -23.86
C ASP A 5 -22.16 -4.70 -23.69
N PRO A 6 -22.95 -5.81 -23.70
CA PRO A 6 -22.42 -7.18 -23.56
C PRO A 6 -21.36 -7.69 -24.55
N GLN A 7 -21.04 -6.87 -25.55
CA GLN A 7 -20.03 -7.19 -26.57
C GLN A 7 -18.63 -6.96 -25.99
N ASP A 8 -18.58 -6.14 -24.95
CA ASP A 8 -17.34 -5.76 -24.27
C ASP A 8 -16.93 -6.72 -23.16
N ASP A 9 -17.79 -7.70 -22.87
CA ASP A 9 -17.53 -8.73 -21.85
C ASP A 9 -16.33 -9.58 -22.21
N VAL A 10 -15.45 -9.80 -21.24
CA VAL A 10 -14.25 -10.61 -21.46
C VAL A 10 -14.03 -11.61 -20.33
N TYR A 11 -13.75 -12.86 -20.72
CA TYR A 11 -13.47 -13.96 -19.79
C TYR A 11 -12.02 -14.35 -19.94
N LEU A 12 -11.26 -14.21 -18.85
CA LEU A 12 -9.83 -14.52 -18.84
C LEU A 12 -9.54 -15.67 -17.88
N ASP A 13 -9.04 -16.79 -18.42
CA ASP A 13 -8.70 -17.92 -17.55
C ASP A 13 -7.37 -17.67 -16.84
N ILE A 14 -7.40 -17.89 -15.53
CA ILE A 14 -6.26 -17.71 -14.63
C ILE A 14 -5.63 -19.09 -14.42
N THR A 15 -6.44 -20.06 -14.02
CA THR A 15 -6.00 -21.45 -13.86
C THR A 15 -7.09 -22.24 -14.62
N ASP A 16 -7.09 -23.56 -14.46
CA ASP A 16 -8.09 -24.42 -15.13
C ASP A 16 -9.42 -24.37 -14.37
N ARG A 17 -9.36 -23.82 -13.16
CA ARG A 17 -10.54 -23.70 -12.30
C ARG A 17 -10.93 -22.25 -12.01
N LEU A 18 -9.96 -21.35 -12.05
CA LEU A 18 -10.22 -19.94 -11.77
C LEU A 18 -10.28 -19.10 -13.04
N CYS A 19 -11.32 -18.28 -13.13
CA CYS A 19 -11.53 -17.40 -14.26
C CYS A 19 -11.85 -15.98 -13.78
N PHE A 20 -11.40 -15.00 -14.54
CA PHE A 20 -11.64 -13.60 -14.24
C PHE A 20 -12.49 -13.02 -15.36
N ALA A 21 -13.60 -12.40 -14.99
CA ALA A 21 -14.50 -11.80 -15.96
C ALA A 21 -14.84 -10.35 -15.72
N ILE A 22 -14.87 -9.58 -16.80
CA ILE A 22 -15.22 -8.18 -16.77
C ILE A 22 -16.55 -8.16 -17.49
N LEU A 23 -17.63 -7.95 -16.73
CA LEU A 23 -18.99 -7.96 -17.27
C LEU A 23 -19.72 -6.62 -17.31
N TYR A 24 -20.27 -6.33 -18.49
CA TYR A 24 -21.03 -5.10 -18.74
C TYR A 24 -22.52 -5.40 -18.82
N SER A 25 -22.88 -6.61 -18.40
CA SER A 25 -24.26 -7.08 -18.40
C SER A 25 -24.53 -8.12 -17.30
N ARG A 26 -25.73 -8.70 -17.37
CA ARG A 26 -26.25 -9.73 -16.45
C ARG A 26 -25.40 -11.03 -16.47
N PRO A 27 -24.74 -11.39 -15.34
CA PRO A 27 -23.93 -12.60 -15.24
C PRO A 27 -24.78 -13.86 -15.43
N LYS A 28 -24.69 -14.43 -16.63
CA LYS A 28 -25.45 -15.63 -16.98
C LYS A 28 -24.81 -16.86 -16.35
N SER A 29 -25.61 -17.55 -15.53
CA SER A 29 -25.18 -18.73 -14.80
C SER A 29 -25.16 -20.03 -15.60
N ALA A 30 -24.57 -21.04 -14.96
CA ALA A 30 -24.45 -22.40 -15.48
C ALA A 30 -24.32 -23.29 -14.25
N SER A 31 -24.66 -24.58 -14.44
CA SER A 31 -24.61 -25.58 -13.36
C SER A 31 -23.23 -25.83 -12.78
N ASN A 32 -22.20 -25.67 -13.61
CA ASN A 32 -20.83 -25.89 -13.16
C ASN A 32 -19.97 -24.63 -13.09
N VAL A 33 -20.64 -23.49 -12.97
CA VAL A 33 -19.96 -22.20 -12.87
C VAL A 33 -20.42 -21.42 -11.64
N HIS A 34 -19.45 -20.96 -10.85
CA HIS A 34 -19.70 -20.17 -9.66
C HIS A 34 -19.18 -18.75 -9.86
N TYR A 35 -20.11 -17.79 -9.86
CA TYR A 35 -19.80 -16.38 -10.00
C TYR A 35 -19.75 -15.69 -8.65
N PHE A 36 -18.76 -14.81 -8.47
CA PHE A 36 -18.62 -14.03 -7.26
C PHE A 36 -17.93 -12.70 -7.60
N SER A 37 -18.30 -11.64 -6.90
CA SER A 37 -17.71 -10.33 -7.11
C SER A 37 -17.26 -9.76 -5.78
N ILE A 38 -16.24 -8.91 -5.84
CA ILE A 38 -15.75 -8.27 -4.63
C ILE A 38 -15.97 -6.77 -4.68
N ASP A 39 -16.57 -6.31 -5.79
CA ASP A 39 -16.87 -4.88 -6.03
C ASP A 39 -17.59 -4.18 -4.87
N ASN A 40 -18.46 -4.91 -4.19
CA ASN A 40 -19.21 -4.37 -3.05
C ASN A 40 -18.78 -4.97 -1.70
N GLU A 41 -17.68 -5.73 -1.70
CA GLU A 41 -17.17 -6.37 -0.48
C GLU A 41 -15.82 -5.77 -0.09
N LEU A 42 -14.91 -5.68 -1.05
CA LEU A 42 -13.57 -5.11 -0.83
C LEU A 42 -13.52 -3.80 -1.61
N GLU A 43 -14.07 -2.76 -1.00
CA GLU A 43 -14.16 -1.43 -1.59
C GLU A 43 -13.05 -0.50 -1.12
N TYR A 44 -12.53 0.29 -2.05
CA TYR A 44 -11.48 1.27 -1.74
C TYR A 44 -12.11 2.49 -1.09
N GLU A 45 -11.56 2.90 0.05
CA GLU A 45 -12.04 4.08 0.77
C GLU A 45 -11.22 5.26 0.27
N ASN A 46 -11.81 6.00 -0.67
CA ASN A 46 -11.17 7.15 -1.30
C ASN A 46 -11.05 8.42 -0.50
N PHE A 47 -10.00 9.18 -0.81
CA PHE A 47 -9.74 10.48 -0.19
C PHE A 47 -10.32 11.53 -1.13
N TYR A 48 -9.96 11.43 -2.42
CA TYR A 48 -10.48 12.32 -3.46
C TYR A 48 -10.77 11.51 -4.72
N ALA A 49 -10.01 11.70 -5.80
CA ALA A 49 -10.24 10.97 -7.05
C ALA A 49 -9.46 9.65 -7.15
N ASP A 50 -8.68 9.35 -6.11
CA ASP A 50 -7.92 8.09 -6.03
C ASP A 50 -8.93 6.95 -5.92
N PHE A 51 -8.69 5.87 -6.67
CA PHE A 51 -9.61 4.74 -6.68
C PHE A 51 -8.96 3.41 -6.32
N GLY A 52 -7.66 3.44 -6.13
CA GLY A 52 -6.93 2.23 -5.79
C GLY A 52 -5.44 2.47 -5.72
N PRO A 53 -4.61 1.42 -5.51
CA PRO A 53 -4.97 0.01 -5.33
C PRO A 53 -5.52 -0.32 -3.95
N LEU A 54 -6.17 -1.49 -3.83
CA LEU A 54 -6.72 -1.94 -2.54
C LEU A 54 -5.56 -2.23 -1.59
N ASN A 55 -5.83 -2.13 -0.29
CA ASN A 55 -4.79 -2.35 0.71
C ASN A 55 -4.42 -3.81 0.97
N LEU A 56 -3.38 -4.03 1.78
CA LEU A 56 -2.88 -5.36 2.13
C LEU A 56 -3.91 -6.30 2.72
N ALA A 57 -4.78 -5.77 3.57
CA ALA A 57 -5.84 -6.54 4.20
C ALA A 57 -6.82 -7.08 3.18
N MET A 58 -7.16 -6.24 2.21
CA MET A 58 -8.08 -6.61 1.13
C MET A 58 -7.47 -7.61 0.16
N VAL A 59 -6.13 -7.55 0.00
CA VAL A 59 -5.38 -8.47 -0.85
C VAL A 59 -5.40 -9.83 -0.14
N TYR A 60 -5.14 -9.79 1.18
CA TYR A 60 -5.13 -10.98 2.02
C TYR A 60 -6.52 -11.64 2.08
N ARG A 61 -7.56 -10.83 2.27
CA ARG A 61 -8.94 -11.31 2.34
C ARG A 61 -9.38 -11.95 1.02
N TYR A 62 -8.91 -11.39 -0.08
CA TYR A 62 -9.21 -11.91 -1.42
C TYR A 62 -8.52 -13.26 -1.65
N CYS A 63 -7.24 -13.31 -1.30
CA CYS A 63 -6.43 -14.52 -1.45
C CYS A 63 -7.00 -15.67 -0.64
N CYS A 64 -7.47 -15.35 0.58
CA CYS A 64 -8.08 -16.30 1.49
C CYS A 64 -9.40 -16.79 0.93
N LYS A 65 -10.14 -15.87 0.30
CA LYS A 65 -11.44 -16.13 -0.29
C LYS A 65 -11.36 -17.09 -1.47
N ILE A 66 -10.35 -16.92 -2.32
CA ILE A 66 -10.13 -17.79 -3.48
C ILE A 66 -9.61 -19.15 -3.02
N ASN A 67 -8.66 -19.14 -2.08
CA ASN A 67 -8.08 -20.37 -1.52
C ASN A 67 -9.16 -21.25 -0.90
N LYS A 68 -10.13 -20.60 -0.25
CA LYS A 68 -11.26 -21.29 0.39
C LYS A 68 -12.21 -21.86 -0.66
N LYS A 69 -12.49 -21.05 -1.69
CA LYS A 69 -13.38 -21.45 -2.78
C LYS A 69 -12.87 -22.63 -3.61
N LEU A 70 -11.56 -22.68 -3.82
CA LEU A 70 -10.92 -23.76 -4.56
C LEU A 70 -10.78 -25.03 -3.72
N LYS A 71 -10.94 -24.87 -2.41
CA LYS A 71 -10.82 -25.93 -1.40
C LYS A 71 -12.16 -26.57 -1.03
N SER A 72 -13.24 -25.79 -1.05
CA SER A 72 -14.57 -26.27 -0.66
C SER A 72 -15.21 -27.37 -1.51
N ILE A 73 -15.91 -28.28 -0.81
CA ILE A 73 -16.60 -29.43 -1.39
C ILE A 73 -17.81 -28.98 -2.25
N THR A 74 -18.41 -27.85 -1.87
CA THR A 74 -19.57 -27.27 -2.56
C THR A 74 -19.27 -26.93 -4.05
N MET A 75 -18.05 -26.46 -4.31
CA MET A 75 -17.63 -26.09 -5.66
C MET A 75 -16.51 -26.94 -6.26
N LEU A 76 -16.40 -28.18 -5.78
CA LEU A 76 -15.40 -29.18 -6.20
C LEU A 76 -15.08 -29.28 -7.70
N ARG A 77 -16.11 -29.48 -8.52
CA ARG A 77 -15.97 -29.60 -9.97
C ARG A 77 -16.41 -28.33 -10.72
N LYS A 78 -16.66 -27.27 -9.96
CA LYS A 78 -17.11 -26.01 -10.54
C LYS A 78 -16.01 -25.03 -10.88
N LYS A 79 -16.22 -24.27 -11.96
CA LYS A 79 -15.28 -23.23 -12.36
C LYS A 79 -15.63 -22.00 -11.53
N ILE A 80 -14.62 -21.43 -10.89
CA ILE A 80 -14.78 -20.26 -10.03
C ILE A 80 -14.53 -19.01 -10.87
N VAL A 81 -15.58 -18.20 -11.03
CA VAL A 81 -15.46 -16.98 -11.82
C VAL A 81 -15.56 -15.70 -10.99
N HIS A 82 -14.45 -14.96 -10.96
CA HIS A 82 -14.39 -13.67 -10.29
C HIS A 82 -14.86 -12.68 -11.35
N PHE A 83 -16.01 -12.06 -11.09
CA PHE A 83 -16.51 -11.06 -12.01
C PHE A 83 -16.44 -9.65 -11.44
N THR A 84 -16.38 -8.67 -12.32
CA THR A 84 -16.36 -7.27 -11.94
C THR A 84 -17.27 -6.56 -12.91
N GLY A 85 -17.84 -5.44 -12.45
CA GLY A 85 -18.78 -4.68 -13.26
C GLY A 85 -18.26 -3.77 -14.35
N SER A 86 -19.10 -2.80 -14.69
CA SER A 86 -18.86 -1.81 -15.73
C SER A 86 -17.92 -0.66 -15.37
N ASP A 87 -17.79 -0.41 -14.06
CA ASP A 87 -16.94 0.66 -13.52
C ASP A 87 -15.46 0.29 -13.69
N GLN A 88 -14.74 1.11 -14.46
CA GLN A 88 -13.31 0.90 -14.74
C GLN A 88 -12.39 0.96 -13.51
N ARG A 89 -12.86 1.68 -12.49
CA ARG A 89 -12.15 1.83 -11.23
C ARG A 89 -12.19 0.52 -10.46
N LYS A 90 -13.35 -0.16 -10.52
CA LYS A 90 -13.55 -1.45 -9.87
C LYS A 90 -12.84 -2.56 -10.64
N GLN A 91 -12.79 -2.43 -11.97
CA GLN A 91 -12.12 -3.39 -12.87
C GLN A 91 -10.62 -3.42 -12.62
N ALA A 92 -10.07 -2.23 -12.36
CA ALA A 92 -8.65 -2.03 -12.09
C ALA A 92 -8.26 -2.71 -10.77
N ASN A 93 -9.11 -2.54 -9.76
CA ASN A 93 -8.90 -3.11 -8.43
C ASN A 93 -9.08 -4.62 -8.40
N ALA A 94 -10.05 -5.11 -9.18
CA ALA A 94 -10.32 -6.54 -9.28
C ALA A 94 -9.18 -7.27 -9.98
N ALA A 95 -8.62 -6.63 -11.01
CA ALA A 95 -7.51 -7.16 -11.78
C ALA A 95 -6.25 -7.14 -10.92
N PHE A 96 -6.14 -6.10 -10.08
CA PHE A 96 -5.03 -5.95 -9.14
C PHE A 96 -5.02 -7.14 -8.17
N LEU A 97 -6.21 -7.50 -7.70
CA LEU A 97 -6.40 -8.61 -6.78
C LEU A 97 -6.09 -9.97 -7.40
N VAL A 98 -6.50 -10.16 -8.66
CA VAL A 98 -6.25 -11.40 -9.40
C VAL A 98 -4.74 -11.54 -9.66
N GLY A 99 -4.11 -10.46 -10.11
CA GLY A 99 -2.69 -10.46 -10.39
C GLY A 99 -1.83 -10.66 -9.15
N CYS A 100 -2.30 -10.17 -8.00
CA CYS A 100 -1.60 -10.33 -6.73
C CYS A 100 -1.69 -11.80 -6.34
N TYR A 101 -2.87 -12.37 -6.55
CA TYR A 101 -3.13 -13.78 -6.25
C TYR A 101 -2.22 -14.68 -7.10
N MET A 102 -2.04 -14.29 -8.36
CA MET A 102 -1.19 -15.01 -9.30
C MET A 102 0.26 -14.98 -8.86
N VAL A 103 0.72 -13.82 -8.38
CA VAL A 103 2.09 -13.65 -7.92
C VAL A 103 2.37 -14.35 -6.58
N ILE A 104 1.43 -14.23 -5.63
CA ILE A 104 1.56 -14.81 -4.29
C ILE A 104 1.25 -16.31 -4.14
N TYR A 105 0.06 -16.74 -4.57
CA TYR A 105 -0.34 -18.14 -4.41
C TYR A 105 -0.13 -19.11 -5.55
N LEU A 106 0.25 -18.56 -6.70
CA LEU A 106 0.59 -19.34 -7.89
C LEU A 106 2.05 -18.89 -8.06
N GLY A 107 2.83 -19.60 -8.85
CA GLY A 107 4.23 -19.22 -9.01
C GLY A 107 4.52 -18.29 -10.17
N ARG A 108 3.57 -17.41 -10.49
CA ARG A 108 3.71 -16.50 -11.61
C ARG A 108 4.56 -15.26 -11.36
N THR A 109 5.31 -14.89 -12.39
CA THR A 109 6.16 -13.70 -12.38
C THR A 109 5.19 -12.51 -12.60
N PRO A 110 5.56 -11.27 -12.21
CA PRO A 110 4.67 -10.12 -12.41
C PRO A 110 4.23 -9.89 -13.86
N GLU A 111 5.16 -10.10 -14.80
CA GLU A 111 4.93 -9.94 -16.24
C GLU A 111 3.95 -10.95 -16.79
N GLU A 112 4.00 -12.17 -16.26
CA GLU A 112 3.11 -13.24 -16.67
C GLU A 112 1.69 -12.98 -16.13
N ALA A 113 1.61 -12.44 -14.92
CA ALA A 113 0.32 -12.10 -14.28
C ALA A 113 -0.35 -10.97 -15.07
N TYR A 114 0.47 -10.00 -15.50
CA TYR A 114 0.00 -8.86 -16.27
C TYR A 114 -0.39 -9.27 -17.70
N ARG A 115 0.36 -10.21 -18.28
CA ARG A 115 0.13 -10.75 -19.64
C ARG A 115 -1.24 -11.44 -19.71
N ILE A 116 -1.55 -12.17 -18.66
CA ILE A 116 -2.80 -12.92 -18.55
C ILE A 116 -4.00 -11.97 -18.40
N LEU A 117 -3.81 -10.88 -17.68
CA LEU A 117 -4.84 -9.87 -17.45
C LEU A 117 -5.15 -8.97 -18.64
N ILE A 118 -4.16 -8.72 -19.49
CA ILE A 118 -4.35 -7.86 -20.66
C ILE A 118 -4.63 -8.66 -21.94
N PHE A 119 -4.73 -9.99 -21.80
CA PHE A 119 -4.94 -10.93 -22.92
C PHE A 119 -6.05 -10.65 -23.94
N GLY A 120 -7.26 -10.35 -23.47
CA GLY A 120 -8.35 -10.08 -24.41
C GLY A 120 -8.42 -8.62 -24.80
N GLU A 121 -7.26 -8.03 -25.13
CA GLU A 121 -7.09 -6.60 -25.50
C GLU A 121 -7.70 -5.70 -24.42
N THR A 122 -7.70 -6.23 -23.20
CA THR A 122 -8.28 -5.58 -22.04
C THR A 122 -7.45 -4.41 -21.54
N SER A 123 -8.06 -3.23 -21.62
CA SER A 123 -7.45 -1.97 -21.21
C SER A 123 -7.85 -1.65 -19.77
N TYR A 124 -6.87 -1.29 -18.95
CA TYR A 124 -7.09 -0.94 -17.55
C TYR A 124 -6.61 0.46 -17.26
N ILE A 125 -7.38 1.21 -16.47
CA ILE A 125 -6.96 2.56 -16.11
C ILE A 125 -5.94 2.47 -14.95
N PRO A 126 -4.78 3.15 -15.10
CA PRO A 126 -3.77 3.10 -14.03
C PRO A 126 -4.17 3.93 -12.83
N PHE A 127 -3.68 3.52 -11.66
CA PHE A 127 -4.01 4.17 -10.40
C PHE A 127 -3.54 5.61 -10.22
N ARG A 128 -4.48 6.43 -9.81
CA ARG A 128 -4.34 7.87 -9.54
C ARG A 128 -3.83 8.12 -8.12
N ASP A 129 -3.47 9.36 -7.83
CA ASP A 129 -3.03 9.76 -6.50
C ASP A 129 -4.17 10.48 -5.77
N ALA A 130 -3.94 10.85 -4.50
CA ALA A 130 -4.95 11.51 -3.67
C ALA A 130 -5.08 13.04 -3.86
N ALA A 131 -4.33 13.62 -4.80
CA ALA A 131 -4.33 15.07 -5.06
C ALA A 131 -5.59 15.66 -5.68
N TYR A 132 -5.69 16.98 -5.57
CA TYR A 132 -6.81 17.74 -6.12
C TYR A 132 -6.55 18.07 -7.59
N GLY A 133 -7.56 17.82 -8.42
CA GLY A 133 -7.48 18.11 -9.84
C GLY A 133 -6.89 17.06 -10.77
N SER A 134 -5.78 17.42 -11.41
CA SER A 134 -5.09 16.57 -12.36
C SER A 134 -3.91 15.80 -11.79
N CYS A 135 -3.77 14.55 -12.22
CA CYS A 135 -2.72 13.64 -11.78
C CYS A 135 -1.44 13.81 -12.62
N ASN A 136 -0.29 13.78 -11.95
CA ASN A 136 1.00 13.93 -12.63
C ASN A 136 1.79 12.66 -12.85
N PHE A 137 1.36 11.58 -12.17
CA PHE A 137 2.01 10.29 -12.28
C PHE A 137 1.01 9.21 -11.91
N TYR A 138 1.05 8.13 -12.70
CA TYR A 138 0.16 7.00 -12.51
C TYR A 138 0.94 5.70 -12.29
N ILE A 139 0.41 4.83 -11.44
CA ILE A 139 1.04 3.54 -11.18
C ILE A 139 0.17 2.47 -11.84
N THR A 140 0.81 1.62 -12.63
CA THR A 140 0.12 0.56 -13.35
C THR A 140 -0.03 -0.71 -12.53
N LEU A 141 -0.72 -1.68 -13.12
CA LEU A 141 -0.92 -2.99 -12.50
C LEU A 141 0.40 -3.74 -12.43
N LEU A 142 1.25 -3.57 -13.46
CA LEU A 142 2.56 -4.22 -13.50
C LEU A 142 3.47 -3.66 -12.41
N ASP A 143 3.35 -2.36 -12.15
CA ASP A 143 4.13 -1.69 -11.09
C ASP A 143 3.72 -2.27 -9.74
N CYS A 144 2.43 -2.52 -9.59
CA CYS A 144 1.86 -3.11 -8.37
C CYS A 144 2.29 -4.55 -8.17
N PHE A 145 2.37 -5.32 -9.25
CA PHE A 145 2.77 -6.73 -9.19
C PHE A 145 4.25 -6.88 -8.93
N HIS A 146 5.05 -5.94 -9.47
CA HIS A 146 6.49 -5.92 -9.26
C HIS A 146 6.79 -5.59 -7.80
N ALA A 147 5.96 -4.72 -7.24
CA ALA A 147 6.05 -4.28 -5.85
C ALA A 147 5.73 -5.43 -4.91
N VAL A 148 4.70 -6.22 -5.25
CA VAL A 148 4.27 -7.36 -4.46
C VAL A 148 5.30 -8.50 -4.49
N LYS A 149 5.89 -8.74 -5.66
CA LYS A 149 6.91 -9.77 -5.83
C LYS A 149 8.17 -9.42 -5.06
N LYS A 150 8.62 -8.17 -5.17
CA LYS A 150 9.82 -7.72 -4.47
C LYS A 150 9.57 -7.66 -2.97
N ALA A 151 8.31 -7.49 -2.59
CA ALA A 151 7.90 -7.46 -1.19
C ALA A 151 8.01 -8.87 -0.59
N MET A 152 7.75 -9.88 -1.42
CA MET A 152 7.84 -11.28 -1.02
C MET A 152 9.31 -11.70 -0.88
N GLN A 153 10.12 -11.29 -1.86
CA GLN A 153 11.55 -11.59 -1.92
C GLN A 153 12.39 -10.92 -0.83
N TYR A 154 11.99 -9.70 -0.43
CA TYR A 154 12.71 -8.95 0.60
C TYR A 154 12.08 -9.06 2.00
N GLY A 155 11.02 -9.86 2.10
CA GLY A 155 10.36 -10.09 3.37
C GLY A 155 9.32 -9.11 3.87
N PHE A 156 8.86 -8.18 3.04
CA PHE A 156 7.84 -7.20 3.44
C PHE A 156 6.46 -7.84 3.52
N LEU A 157 6.21 -8.78 2.60
CA LEU A 157 4.95 -9.50 2.54
C LEU A 157 5.20 -10.95 2.93
N ASN A 158 4.41 -11.42 3.89
CA ASN A 158 4.47 -12.79 4.38
C ASN A 158 3.04 -13.10 4.81
N PHE A 159 2.32 -13.81 3.97
CA PHE A 159 0.93 -14.19 4.24
C PHE A 159 0.73 -15.40 5.14
N ASN A 160 1.84 -15.93 5.64
CA ASN A 160 1.85 -17.07 6.56
C ASN A 160 1.76 -16.54 7.98
N SER A 161 2.36 -15.37 8.20
CA SER A 161 2.40 -14.72 9.51
C SER A 161 1.70 -13.34 9.54
N PHE A 162 0.92 -13.05 8.49
CA PHE A 162 0.20 -11.77 8.40
C PHE A 162 -0.96 -11.73 9.39
N ASN A 163 -0.94 -10.71 10.25
CA ASN A 163 -2.00 -10.53 11.24
C ASN A 163 -3.00 -9.53 10.68
N LEU A 164 -4.10 -10.08 10.15
CA LEU A 164 -5.20 -9.35 9.55
C LEU A 164 -5.92 -8.46 10.56
N ASP A 165 -6.22 -9.04 11.73
CA ASP A 165 -6.91 -8.35 12.82
C ASP A 165 -6.15 -7.13 13.31
N GLU A 166 -4.83 -7.26 13.42
CA GLU A 166 -3.95 -6.18 13.86
C GLU A 166 -3.87 -5.06 12.82
N TYR A 167 -3.73 -5.43 11.55
CA TYR A 167 -3.66 -4.47 10.46
C TYR A 167 -4.97 -3.69 10.40
N GLU A 168 -6.09 -4.41 10.39
CA GLU A 168 -7.43 -3.81 10.32
C GLU A 168 -7.84 -2.98 11.53
N HIS A 169 -7.29 -3.31 12.69
CA HIS A 169 -7.57 -2.59 13.93
C HIS A 169 -6.82 -1.24 13.89
N TYR A 170 -5.51 -1.32 13.68
CA TYR A 170 -4.66 -0.14 13.66
C TYR A 170 -4.74 0.83 12.48
N GLU A 171 -5.33 0.41 11.36
CA GLU A 171 -5.50 1.29 10.19
C GLU A 171 -6.65 2.27 10.42
N LYS A 172 -7.60 1.86 11.25
CA LYS A 172 -8.77 2.65 11.59
C LYS A 172 -8.37 3.90 12.35
N ALA A 173 -8.93 5.02 11.93
CA ALA A 173 -8.68 6.32 12.52
C ALA A 173 -8.92 6.36 14.03
N GLU A 174 -9.87 5.54 14.50
CA GLU A 174 -10.25 5.43 15.92
C GLU A 174 -9.20 4.73 16.78
N ASN A 175 -8.34 3.94 16.15
CA ASN A 175 -7.29 3.22 16.86
C ASN A 175 -5.89 3.77 16.60
N GLY A 176 -5.81 4.86 15.86
CA GLY A 176 -4.52 5.48 15.61
C GLY A 176 -4.07 5.74 14.19
N ASP A 177 -4.76 5.16 13.19
CA ASP A 177 -4.43 5.31 11.76
C ASP A 177 -2.94 5.06 11.52
N LEU A 178 -2.58 3.82 11.76
CA LEU A 178 -1.21 3.35 11.68
C LEU A 178 -1.11 2.18 10.69
N ASN A 179 -0.01 2.15 9.94
CA ASN A 179 0.26 1.06 9.00
C ASN A 179 1.74 0.80 8.95
N TRP A 180 2.09 -0.49 8.93
CA TRP A 180 3.48 -0.93 8.80
C TRP A 180 3.77 -0.95 7.29
N ILE A 181 4.90 -0.34 6.91
CA ILE A 181 5.31 -0.32 5.50
C ILE A 181 6.28 -1.48 5.33
N ILE A 182 7.24 -1.58 6.25
CA ILE A 182 8.23 -2.65 6.28
C ILE A 182 8.16 -3.22 7.71
N PRO A 183 7.87 -4.54 7.84
CA PRO A 183 7.78 -5.22 9.14
C PRO A 183 9.04 -5.08 9.98
N ASP A 184 8.84 -4.73 11.26
CA ASP A 184 9.88 -4.53 12.27
C ASP A 184 10.92 -3.45 11.92
N ARG A 185 10.54 -2.56 11.00
CA ARG A 185 11.42 -1.48 10.55
C ARG A 185 10.74 -0.12 10.33
N PHE A 186 9.55 -0.10 9.70
CA PHE A 186 8.85 1.15 9.41
C PHE A 186 7.34 1.22 9.66
N ILE A 187 6.93 2.23 10.42
CA ILE A 187 5.52 2.53 10.71
C ILE A 187 5.28 3.93 10.15
N ALA A 188 4.14 4.09 9.51
CA ALA A 188 3.70 5.38 8.97
C ALA A 188 2.37 5.63 9.69
N PHE A 189 2.23 6.80 10.33
CA PHE A 189 1.00 7.10 11.05
C PHE A 189 0.54 8.55 11.00
N CYS A 190 -0.69 8.76 11.45
CA CYS A 190 -1.33 10.06 11.52
C CYS A 190 -0.69 10.87 12.65
N GLY A 191 -0.53 12.17 12.41
CA GLY A 191 0.09 13.06 13.39
C GLY A 191 -0.67 13.26 14.69
N PRO A 192 -0.04 12.98 15.86
CA PRO A 192 -0.70 13.16 17.16
C PRO A 192 -0.83 14.63 17.53
N HIS A 193 -1.82 14.93 18.34
CA HIS A 193 -2.07 16.28 18.81
C HIS A 193 -1.83 16.31 20.31
N SER A 194 -1.70 17.51 20.89
CA SER A 194 -1.57 17.66 22.33
C SER A 194 -3.04 17.63 22.74
N ARG A 195 -3.37 16.69 23.63
CA ARG A 195 -4.74 16.42 24.12
C ARG A 195 -5.50 15.57 23.11
N ALA A 196 -6.04 14.46 23.59
CA ALA A 196 -6.81 13.53 22.76
C ALA A 196 -8.25 13.99 22.60
N ARG A 197 -8.83 13.67 21.45
CA ARG A 197 -10.20 14.00 21.12
C ARG A 197 -10.69 12.79 20.29
N LEU A 198 -11.01 11.71 21.00
CA LEU A 198 -11.44 10.45 20.39
C LEU A 198 -12.96 10.27 20.35
N GLU A 199 -13.68 11.26 20.87
CA GLU A 199 -15.13 11.23 20.91
C GLU A 199 -15.79 12.03 19.80
N SER A 200 -17.06 11.71 19.56
CA SER A 200 -17.93 12.40 18.61
C SER A 200 -17.47 12.61 17.16
N GLY A 201 -17.12 11.52 16.48
CA GLY A 201 -16.66 11.61 15.10
C GLY A 201 -15.19 11.98 14.94
N TYR A 202 -14.63 12.60 15.98
CA TYR A 202 -13.23 12.98 16.02
C TYR A 202 -12.37 11.78 16.39
N HIS A 203 -11.20 11.71 15.76
CA HIS A 203 -10.26 10.60 15.97
C HIS A 203 -8.84 11.16 16.12
N GLN A 204 -8.74 12.27 16.85
CA GLN A 204 -7.47 12.94 17.10
C GLN A 204 -6.79 12.33 18.32
N HIS A 205 -5.69 11.61 18.07
CA HIS A 205 -4.94 10.94 19.11
C HIS A 205 -3.80 11.75 19.71
N SER A 206 -3.47 11.42 20.95
CA SER A 206 -2.38 12.06 21.68
C SER A 206 -1.19 11.08 21.54
N PRO A 207 0.06 11.50 21.85
CA PRO A 207 1.21 10.57 21.75
C PRO A 207 1.08 9.30 22.58
N GLU A 208 0.41 9.42 23.73
CA GLU A 208 0.19 8.34 24.68
C GLU A 208 -0.44 7.05 24.18
N THR A 209 -1.35 7.15 23.22
CA THR A 209 -2.01 5.96 22.68
C THR A 209 -1.15 5.15 21.71
N TYR A 210 0.04 5.66 21.43
CA TYR A 210 1.01 5.00 20.54
C TYR A 210 2.16 4.40 21.32
N ILE A 211 2.48 5.00 22.47
CA ILE A 211 3.58 4.58 23.34
C ILE A 211 3.67 3.08 23.66
N GLN A 212 2.55 2.48 24.06
CA GLN A 212 2.50 1.05 24.39
C GLN A 212 2.73 0.16 23.17
N TYR A 213 2.06 0.49 22.06
CA TYR A 213 2.21 -0.28 20.81
C TYR A 213 3.63 -0.16 20.28
N PHE A 214 4.17 1.06 20.35
CA PHE A 214 5.51 1.36 19.87
C PHE A 214 6.63 0.67 20.65
N LYS A 215 6.54 0.69 21.98
CA LYS A 215 7.56 0.03 22.81
C LYS A 215 7.51 -1.48 22.75
N ASN A 216 6.32 -2.03 22.49
CA ASN A 216 6.13 -3.48 22.38
C ASN A 216 6.54 -4.02 21.00
N HIS A 217 6.64 -3.12 20.03
CA HIS A 217 7.03 -3.50 18.66
C HIS A 217 8.39 -2.91 18.23
N ASN A 218 9.23 -2.68 19.23
CA ASN A 218 10.60 -2.15 19.10
C ASN A 218 10.86 -0.85 18.34
N VAL A 219 9.98 0.13 18.52
CA VAL A 219 10.17 1.43 17.90
C VAL A 219 11.09 2.22 18.83
N THR A 220 12.24 2.60 18.29
CA THR A 220 13.24 3.35 19.04
C THR A 220 13.30 4.78 18.56
N THR A 221 12.86 4.99 17.31
CA THR A 221 12.91 6.29 16.67
C THR A 221 11.57 6.81 16.12
N ILE A 222 11.33 8.10 16.31
CA ILE A 222 10.12 8.77 15.82
C ILE A 222 10.53 10.02 15.06
N ILE A 223 10.04 10.14 13.82
CA ILE A 223 10.36 11.28 12.98
C ILE A 223 9.11 12.08 12.62
N ARG A 224 9.11 13.35 13.01
CA ARG A 224 8.00 14.27 12.73
C ARG A 224 8.40 15.16 11.54
N LEU A 225 7.54 15.20 10.54
CA LEU A 225 7.74 15.99 9.32
C LEU A 225 6.72 17.12 9.25
N ASN A 226 5.80 17.07 10.20
CA ASN A 226 4.69 17.99 10.39
C ASN A 226 5.10 19.20 11.23
N LYS A 227 4.22 20.20 11.30
CA LYS A 227 4.43 21.36 12.15
C LYS A 227 4.09 20.87 13.56
N ARG A 228 4.72 21.48 14.56
CA ARG A 228 4.55 21.09 15.97
C ARG A 228 3.15 21.26 16.57
N MET A 229 2.51 20.11 16.78
CA MET A 229 1.16 20.03 17.36
C MET A 229 1.20 19.48 18.78
N TYR A 230 2.36 18.95 19.15
CA TYR A 230 2.62 18.39 20.48
C TYR A 230 4.09 18.65 20.85
N ASP A 231 4.40 18.56 22.13
CA ASP A 231 5.76 18.75 22.60
C ASP A 231 6.48 17.41 22.41
N ALA A 232 7.67 17.46 21.83
CA ALA A 232 8.49 16.27 21.56
C ALA A 232 8.84 15.49 22.83
N LYS A 233 8.72 16.15 23.98
CA LYS A 233 9.00 15.57 25.29
C LYS A 233 8.10 14.38 25.60
N ARG A 234 6.82 14.48 25.20
CA ARG A 234 5.82 13.43 25.43
C ARG A 234 6.20 12.07 24.82
N PHE A 235 7.17 12.08 23.91
CA PHE A 235 7.70 10.88 23.28
C PHE A 235 9.09 10.55 23.84
N THR A 236 9.94 11.58 24.00
CA THR A 236 11.29 11.38 24.53
C THR A 236 11.33 10.98 26.00
N ASP A 237 10.29 11.35 26.75
CA ASP A 237 10.14 11.03 28.17
C ASP A 237 9.83 9.53 28.34
N ALA A 238 9.44 8.92 27.23
CA ALA A 238 9.11 7.50 27.17
C ALA A 238 10.26 6.72 26.55
N GLY A 239 11.40 7.39 26.37
CA GLY A 239 12.60 6.78 25.82
C GLY A 239 12.73 6.61 24.32
N PHE A 240 11.95 7.38 23.57
CA PHE A 240 12.01 7.34 22.11
C PHE A 240 12.93 8.44 21.62
N ASP A 241 13.62 8.18 20.53
CA ASP A 241 14.50 9.18 19.92
C ASP A 241 13.63 9.96 18.94
N HIS A 242 13.30 11.20 19.30
CA HIS A 242 12.46 12.05 18.46
C HIS A 242 13.26 13.04 17.63
N HIS A 243 12.92 13.10 16.34
CA HIS A 243 13.57 13.99 15.39
C HIS A 243 12.55 14.83 14.64
N ASP A 244 12.84 16.13 14.56
CA ASP A 244 12.00 17.08 13.84
C ASP A 244 12.66 17.35 12.49
N LEU A 245 12.00 16.90 11.44
CA LEU A 245 12.48 17.07 10.06
C LEU A 245 11.38 17.69 9.21
N PHE A 246 11.09 18.95 9.50
CA PHE A 246 10.04 19.70 8.82
C PHE A 246 10.26 20.11 7.35
N PHE A 247 9.15 20.05 6.63
CA PHE A 247 8.99 20.51 5.26
C PHE A 247 7.50 20.72 5.05
N ALA A 248 7.17 21.84 4.41
CA ALA A 248 5.79 22.28 4.16
C ALA A 248 4.82 21.24 3.63
N ASP A 249 3.55 21.41 3.97
CA ASP A 249 2.47 20.52 3.54
C ASP A 249 2.33 20.53 2.02
N GLY A 250 2.48 19.36 1.43
CA GLY A 250 2.37 19.20 0.00
C GLY A 250 3.62 19.48 -0.79
N SER A 251 4.71 19.78 -0.09
CA SER A 251 5.99 20.07 -0.72
C SER A 251 6.87 18.84 -0.88
N THR A 252 8.00 19.04 -1.54
CA THR A 252 8.98 17.99 -1.76
C THR A 252 10.16 18.28 -0.82
N PRO A 253 10.79 17.25 -0.24
CA PRO A 253 11.91 17.53 0.67
C PRO A 253 13.22 17.87 -0.04
N THR A 254 14.08 18.64 0.64
CA THR A 254 15.37 19.03 0.08
C THR A 254 16.35 17.87 0.21
N ASP A 255 17.53 18.01 -0.41
CA ASP A 255 18.58 16.99 -0.34
C ASP A 255 19.05 16.80 1.09
N ALA A 256 19.03 17.89 1.86
CA ALA A 256 19.43 17.92 3.27
C ALA A 256 18.47 17.13 4.16
N ILE A 257 17.17 17.26 3.90
CA ILE A 257 16.14 16.55 4.67
C ILE A 257 16.12 15.06 4.32
N VAL A 258 16.30 14.75 3.03
CA VAL A 258 16.35 13.37 2.55
C VAL A 258 17.56 12.66 3.15
N LYS A 259 18.74 13.30 3.08
CA LYS A 259 19.96 12.74 3.63
C LYS A 259 19.95 12.55 5.13
N GLU A 260 19.35 13.51 5.85
CA GLU A 260 19.25 13.42 7.32
C GLU A 260 18.26 12.31 7.70
N PHE A 261 17.20 12.15 6.91
CA PHE A 261 16.17 11.11 7.14
C PHE A 261 16.82 9.74 7.01
N LEU A 262 17.59 9.58 5.93
CA LEU A 262 18.30 8.35 5.64
C LEU A 262 19.34 8.03 6.71
N ASP A 263 20.08 9.05 7.16
CA ASP A 263 21.10 8.88 8.20
C ASP A 263 20.51 8.40 9.52
N ILE A 264 19.39 9.00 9.91
CA ILE A 264 18.67 8.64 11.15
C ILE A 264 18.15 7.20 11.05
N CYS A 265 17.54 6.86 9.91
CA CYS A 265 16.97 5.53 9.68
C CYS A 265 18.03 4.44 9.57
N GLU A 266 19.19 4.77 8.99
CA GLU A 266 20.30 3.84 8.82
C GLU A 266 21.04 3.55 10.12
N ASN A 267 21.04 4.55 11.01
CA ASN A 267 21.70 4.45 12.31
C ASN A 267 20.74 4.09 13.44
N ALA A 268 19.47 3.87 13.11
CA ALA A 268 18.43 3.49 14.09
C ALA A 268 18.63 2.04 14.47
N GLU A 269 18.44 1.74 15.75
CA GLU A 269 18.60 0.37 16.24
C GLU A 269 17.39 -0.52 15.95
N GLY A 270 16.20 0.03 16.18
CA GLY A 270 14.98 -0.71 15.94
C GLY A 270 14.10 -0.08 14.87
N ALA A 271 12.79 -0.22 15.05
CA ALA A 271 11.81 0.32 14.12
C ALA A 271 11.66 1.83 14.19
N ILE A 272 11.37 2.44 13.03
CA ILE A 272 11.19 3.89 12.92
C ILE A 272 9.72 4.20 12.65
N ALA A 273 9.17 5.12 13.45
CA ALA A 273 7.78 5.55 13.30
C ALA A 273 7.77 6.97 12.76
N VAL A 274 7.30 7.11 11.53
CA VAL A 274 7.27 8.40 10.84
C VAL A 274 5.87 8.95 10.70
N HIS A 275 5.71 10.24 10.97
CA HIS A 275 4.41 10.89 10.83
C HIS A 275 4.48 12.30 10.24
N SER A 276 3.34 12.72 9.71
CA SER A 276 3.13 14.05 9.16
C SER A 276 1.74 14.38 9.69
N LYS A 277 0.93 15.19 8.99
CA LYS A 277 -0.42 15.53 9.47
C LYS A 277 -1.30 14.29 9.32
N ALA A 278 -1.37 13.77 8.10
CA ALA A 278 -2.16 12.58 7.78
C ALA A 278 -1.33 11.31 7.74
N GLY A 279 -0.01 11.46 7.63
CA GLY A 279 0.90 10.32 7.56
C GLY A 279 0.89 9.67 6.19
N LEU A 280 0.52 10.47 5.19
CA LEU A 280 0.40 10.00 3.82
C LEU A 280 1.39 10.62 2.84
N GLY A 281 1.25 11.93 2.63
CA GLY A 281 2.10 12.66 1.69
C GLY A 281 3.59 12.69 1.98
N ARG A 282 3.96 13.53 2.94
CA ARG A 282 5.34 13.73 3.36
C ARG A 282 6.01 12.47 3.91
N THR A 283 5.23 11.71 4.67
CA THR A 283 5.67 10.45 5.29
C THR A 283 6.02 9.39 4.26
N GLY A 284 5.08 9.13 3.35
CA GLY A 284 5.26 8.15 2.29
C GLY A 284 6.42 8.46 1.37
N THR A 285 6.59 9.75 1.05
CA THR A 285 7.66 10.24 0.18
C THR A 285 9.04 9.89 0.75
N LEU A 286 9.22 10.13 2.04
CA LEU A 286 10.49 9.85 2.70
C LEU A 286 10.77 8.37 2.94
N ILE A 287 9.73 7.61 3.31
CA ILE A 287 9.89 6.16 3.51
C ILE A 287 10.18 5.52 2.15
N ALA A 288 9.63 6.14 1.09
CA ALA A 288 9.84 5.68 -0.28
C ALA A 288 11.29 5.87 -0.72
N CYS A 289 11.92 6.95 -0.26
CA CYS A 289 13.31 7.27 -0.56
C CYS A 289 14.24 6.20 0.03
N TYR A 290 13.91 5.71 1.22
CA TYR A 290 14.68 4.68 1.92
C TYR A 290 14.58 3.37 1.14
N ILE A 291 13.35 3.01 0.76
CA ILE A 291 13.08 1.77 0.03
C ILE A 291 13.78 1.75 -1.33
N MET A 292 13.80 2.89 -2.01
CA MET A 292 14.48 3.02 -3.30
C MET A 292 15.99 2.88 -3.17
N LYS A 293 16.53 3.45 -2.09
CA LYS A 293 17.97 3.41 -1.81
C LYS A 293 18.48 2.03 -1.40
N HIS A 294 17.81 1.41 -0.42
CA HIS A 294 18.22 0.12 0.12
C HIS A 294 17.73 -1.17 -0.51
N TYR A 295 16.67 -1.09 -1.31
CA TYR A 295 16.11 -2.27 -1.96
C TYR A 295 16.10 -2.18 -3.48
N ARG A 296 16.66 -1.08 -4.00
CA ARG A 296 16.78 -0.79 -5.44
C ARG A 296 15.49 -0.93 -6.26
N MET A 297 14.38 -0.52 -5.65
CA MET A 297 13.07 -0.57 -6.27
C MET A 297 12.80 0.74 -7.00
N THR A 298 12.05 0.68 -8.10
CA THR A 298 11.72 1.88 -8.87
C THR A 298 10.73 2.73 -8.09
N ALA A 299 10.59 3.98 -8.50
CA ALA A 299 9.67 4.93 -7.87
C ALA A 299 8.24 4.39 -7.94
N ALA A 300 7.88 3.86 -9.10
CA ALA A 300 6.55 3.30 -9.35
C ALA A 300 6.24 2.09 -8.46
N GLU A 301 7.20 1.18 -8.34
CA GLU A 301 7.09 -0.04 -7.51
C GLU A 301 6.99 0.35 -6.03
N THR A 302 7.84 1.30 -5.63
CA THR A 302 7.89 1.77 -4.25
C THR A 302 6.62 2.49 -3.82
N ILE A 303 6.13 3.40 -4.67
CA ILE A 303 4.89 4.15 -4.41
C ILE A 303 3.76 3.16 -4.27
N ALA A 304 3.72 2.18 -5.19
CA ALA A 304 2.72 1.12 -5.21
C ALA A 304 2.73 0.34 -3.90
N TRP A 305 3.92 -0.03 -3.41
CA TRP A 305 4.01 -0.78 -2.15
C TRP A 305 3.55 0.03 -0.94
N VAL A 306 4.01 1.28 -0.84
CA VAL A 306 3.63 2.15 0.27
C VAL A 306 2.10 2.37 0.26
N ARG A 307 1.51 2.42 -0.94
CA ARG A 307 0.07 2.60 -1.09
C ARG A 307 -0.75 1.36 -0.76
N ILE A 308 -0.16 0.17 -0.97
CA ILE A 308 -0.82 -1.10 -0.65
C ILE A 308 -0.84 -1.21 0.89
N CYS A 309 0.24 -0.78 1.52
CA CYS A 309 0.32 -0.81 2.98
C CYS A 309 -0.50 0.31 3.61
N ARG A 310 -0.46 1.49 2.98
CA ARG A 310 -1.16 2.67 3.47
C ARG A 310 -1.70 3.50 2.31
N PRO A 311 -3.00 3.33 1.97
CA PRO A 311 -3.63 4.07 0.86
C PRO A 311 -3.50 5.58 0.93
N GLY A 312 -3.37 6.21 -0.24
CA GLY A 312 -3.25 7.66 -0.33
C GLY A 312 -1.84 8.22 -0.18
N SER A 313 -0.88 7.36 0.16
CA SER A 313 0.52 7.77 0.34
C SER A 313 1.17 8.31 -0.94
N VAL A 314 2.03 9.33 -0.77
CA VAL A 314 2.77 10.03 -1.83
C VAL A 314 1.74 10.79 -2.69
N ILE A 315 1.66 12.10 -2.47
CA ILE A 315 0.67 12.97 -3.12
C ILE A 315 1.23 14.07 -4.03
N GLY A 316 0.58 14.28 -5.17
CA GLY A 316 0.94 15.32 -6.13
C GLY A 316 2.39 15.45 -6.56
N PRO A 317 3.03 16.63 -6.33
CA PRO A 317 4.43 16.94 -6.68
C PRO A 317 5.45 15.94 -6.12
N GLN A 318 5.04 15.26 -5.05
CA GLN A 318 5.87 14.25 -4.38
C GLN A 318 6.10 13.00 -5.23
N GLN A 319 5.18 12.72 -6.15
CA GLN A 319 5.31 11.57 -7.06
C GLN A 319 6.44 11.86 -8.05
N GLN A 320 6.46 13.11 -8.54
CA GLN A 320 7.46 13.61 -9.50
C GLN A 320 8.86 13.60 -8.91
N PHE A 321 8.93 13.95 -7.62
CA PHE A 321 10.17 13.99 -6.84
C PHE A 321 10.83 12.62 -6.80
N LEU A 322 10.05 11.61 -6.43
CA LEU A 322 10.54 10.24 -6.34
C LEU A 322 11.02 9.68 -7.69
N VAL A 323 10.28 10.02 -8.75
CA VAL A 323 10.59 9.61 -10.13
C VAL A 323 11.93 10.22 -10.55
N MET A 324 12.12 11.47 -10.15
CA MET A 324 13.34 12.25 -10.43
C MET A 324 14.54 11.74 -9.63
N LYS A 325 14.29 11.45 -8.35
CA LYS A 325 15.33 10.98 -7.44
C LYS A 325 15.76 9.53 -7.54
N GLN A 326 15.04 8.74 -8.33
CA GLN A 326 15.31 7.31 -8.50
C GLN A 326 16.77 6.93 -8.80
N THR A 327 17.36 7.58 -9.81
CA THR A 327 18.75 7.30 -10.21
C THR A 327 19.76 7.66 -9.11
N ASN A 328 19.55 8.81 -8.45
CA ASN A 328 20.42 9.26 -7.37
C ASN A 328 20.35 8.32 -6.16
N LEU A 329 19.13 7.94 -5.79
CA LEU A 329 18.89 7.04 -4.66
C LEU A 329 19.48 5.65 -4.91
N TRP A 330 19.39 5.20 -6.16
CA TRP A 330 19.94 3.91 -6.58
C TRP A 330 21.48 3.90 -6.50
N LEU A 331 22.09 5.00 -6.96
CA LEU A 331 23.55 5.18 -6.95
C LEU A 331 24.08 5.26 -5.51
N GLU A 332 23.36 5.98 -4.65
CA GLU A 332 23.72 6.12 -3.24
C GLU A 332 23.57 4.81 -2.48
N GLY A 333 22.68 3.95 -2.98
CA GLY A 333 22.44 2.64 -2.39
C GLY A 333 23.49 1.63 -2.81
N ASP A 334 24.02 1.81 -4.03
CA ASP A 334 25.08 0.95 -4.56
C ASP A 334 26.38 1.23 -3.82
N TYR A 335 26.58 2.52 -3.48
CA TYR A 335 27.76 2.99 -2.75
C TYR A 335 27.70 2.66 -1.26
N PHE A 336 26.48 2.49 -0.74
CA PHE A 336 26.24 2.14 0.68
C PHE A 336 26.61 0.69 0.91
N ARG A 337 26.18 -0.19 -0.02
CA ARG A 337 26.43 -1.62 0.06
C ARG A 337 27.87 -2.04 -0.21
N GLN A 338 28.61 -1.21 -0.95
CA GLN A 338 30.01 -1.47 -1.26
C GLN A 338 30.95 -0.95 -0.18
N LYS A 339 30.43 -0.04 0.66
CA LYS A 339 31.18 0.54 1.78
C LYS A 339 31.15 -0.39 2.99
N LEU A 340 30.11 -1.21 3.06
CA LEU A 340 29.91 -2.17 4.13
C LEU A 340 30.54 -3.54 3.84
N LYS A 341 30.86 -3.77 2.55
CA LYS A 341 31.48 -5.01 2.11
C LYS A 341 33.02 -4.93 2.10
N GLY A 342 33.66 -5.91 2.52
N ALA B 2 -1.40 18.68 -0.80
CA ALA B 2 -1.79 18.75 0.60
C ALA B 2 -2.34 17.44 1.17
N PRO B 4 -4.77 15.20 2.98
CA PRO B 4 -6.23 15.30 3.18
C PRO B 4 -6.70 15.15 4.63
#